data_6RFJ
#
_entry.id   6RFJ
#
_cell.length_a   87.607
_cell.length_b   118.925
_cell.length_c   140.507
_cell.angle_alpha   90.00
_cell.angle_beta   90.00
_cell.angle_gamma   90.00
#
_symmetry.space_group_name_H-M   'I 2 2 2'
#
loop_
_entity.id
_entity.type
_entity.pdbx_description
1 polymer 'Interleukin-1 receptor-associated kinase 4'
2 non-polymer 'methyl 4-[4-[[6-(cyanomethyl)-2-[(1-methylpyrazol-4-yl)amino]pyrido[3,2-d]pyrimidin-4-yl]amino]cyclohexyl]piperazine-1-carboxylate'
3 non-polymer 'SULFATE ION'
4 water water
#
_entity_poly.entity_id   1
_entity_poly.type   'polypeptide(L)'
_entity_poly.pdbx_seq_one_letter_code
;MHHHHHHHENLYFQGENKSLEVSDTRFHSFSFYELKNVTNNFDERPISVGGNKMGEGGFGVVYKGYVNNTTVAVKKLAAM
VDITTEELKQQFDQEIKVMAKCQHENLVELLGFSSDGDDLCLVYVYMPNGSLLDRLSCLDGTPPLSWHMRCKIAQGAANG
INFLHENHHIHRDIKSANILLDEAFTAKISDFGLARASEKFAQTVM(TPO)(SEP)RIVGTTAYMAPEALRGEITPKSDI
YSFGVVLLEIITGLPAVDEHREPQLLLDIKEEIEDEEKTIEDYIDKKMNDADSTSVEAMYSVASQCLHEKKNKRPDIKKV
QQLLQEMTAS
;
_entity_poly.pdbx_strand_id   A,B
#
loop_
_chem_comp.id
_chem_comp.type
_chem_comp.name
_chem_comp.formula
K1E non-polymer 'methyl 4-[4-[[6-(cyanomethyl)-2-[(1-methylpyrazol-4-yl)amino]pyrido[3,2-d]pyrimidin-4-yl]amino]cyclohexyl]piperazine-1-carboxylate' 'C25 H32 N10 O2'
SO4 non-polymer 'SULFATE ION' 'O4 S -2'
#
# COMPACT_ATOMS: atom_id res chain seq x y z
N PHE A 27 12.45 36.73 -12.33
CA PHE A 27 11.16 36.06 -12.37
C PHE A 27 10.05 37.02 -12.72
N HIS A 28 8.87 36.49 -13.11
CA HIS A 28 7.73 37.35 -13.37
C HIS A 28 7.07 37.75 -12.06
N SER A 29 6.53 38.96 -12.00
CA SER A 29 5.80 39.46 -10.85
C SER A 29 4.33 39.49 -11.22
N PHE A 30 3.55 38.52 -10.70
CA PHE A 30 2.13 38.44 -10.98
C PHE A 30 1.40 39.35 -10.02
N SER A 31 0.24 39.85 -10.41
CA SER A 31 -0.59 40.59 -9.49
C SER A 31 -1.35 39.51 -8.74
N PHE A 32 -1.70 39.81 -7.49
CA PHE A 32 -2.48 38.92 -6.65
C PHE A 32 -3.82 38.60 -7.32
N TYR A 33 -4.39 39.59 -8.03
CA TYR A 33 -5.66 39.46 -8.74
C TYR A 33 -5.61 38.45 -9.87
N GLU A 34 -4.48 38.40 -10.59
CA GLU A 34 -4.26 37.44 -11.68
C GLU A 34 -4.22 36.03 -11.11
N LEU A 35 -3.58 35.87 -9.92
CA LEU A 35 -3.39 34.58 -9.26
C LEU A 35 -4.68 34.06 -8.67
N LYS A 36 -5.44 34.98 -8.06
CA LYS A 36 -6.77 34.75 -7.49
C LYS A 36 -7.71 34.24 -8.59
N ASN A 37 -7.58 34.78 -9.81
CA ASN A 37 -8.34 34.40 -10.99
C ASN A 37 -8.00 33.00 -11.50
N VAL A 38 -6.70 32.68 -11.62
CA VAL A 38 -6.22 31.41 -12.20
C VAL A 38 -6.48 30.21 -11.27
N THR A 39 -6.69 30.47 -9.97
CA THR A 39 -6.95 29.48 -8.92
C THR A 39 -8.41 29.49 -8.43
N ASN A 40 -9.34 30.12 -9.19
CA ASN A 40 -10.76 30.25 -8.86
C ASN A 40 -11.04 30.70 -7.43
N ASN A 41 -10.51 31.87 -7.05
CA ASN A 41 -10.66 32.48 -5.72
C ASN A 41 -9.89 31.77 -4.64
N PHE A 42 -8.92 30.92 -5.07
CA PHE A 42 -8.16 29.98 -4.23
C PHE A 42 -9.16 29.01 -3.65
N ASP A 43 -9.90 28.35 -4.57
CA ASP A 43 -10.99 27.41 -4.35
C ASP A 43 -10.47 26.17 -3.63
N GLU A 44 -10.95 25.97 -2.41
CA GLU A 44 -10.49 24.98 -1.44
C GLU A 44 -10.84 23.50 -1.64
N ARG A 45 -11.66 23.16 -2.61
CA ARG A 45 -11.94 21.75 -2.81
C ARG A 45 -10.93 21.08 -3.72
N PRO A 46 -10.82 19.74 -3.72
CA PRO A 46 -9.93 19.09 -4.69
C PRO A 46 -10.49 19.24 -6.12
N ASN A 52 -9.65 23.71 -6.56
CA ASN A 52 -8.28 24.05 -6.95
C ASN A 52 -7.16 23.66 -5.93
N LYS A 53 -7.53 23.26 -4.71
CA LYS A 53 -6.56 22.89 -3.68
C LYS A 53 -5.90 21.56 -4.01
N MET A 54 -4.57 21.55 -3.93
CA MET A 54 -3.74 20.37 -4.19
C MET A 54 -3.24 19.75 -2.89
N GLY A 55 -3.02 20.60 -1.88
CA GLY A 55 -2.65 20.22 -0.51
C GLY A 55 -1.77 21.21 0.21
N GLU A 56 -1.14 20.79 1.30
CA GLU A 56 -0.17 21.60 2.03
C GLU A 56 1.13 20.73 1.95
N GLY A 57 2.30 21.28 1.61
CA GLY A 57 2.66 22.69 1.47
C GLY A 57 3.74 22.96 2.49
N GLY A 58 4.47 24.05 2.29
CA GLY A 58 5.52 24.43 3.24
C GLY A 58 4.88 25.07 4.43
N PHE A 59 4.89 26.39 4.42
CA PHE A 59 4.20 27.19 5.40
C PHE A 59 3.12 27.88 4.58
N GLY A 60 2.35 27.06 3.87
CA GLY A 60 1.29 27.49 2.98
C GLY A 60 0.58 26.38 2.24
N VAL A 61 -0.46 26.74 1.47
CA VAL A 61 -1.32 25.80 0.73
C VAL A 61 -0.99 25.87 -0.75
N VAL A 62 -1.03 24.72 -1.46
CA VAL A 62 -0.73 24.64 -2.88
C VAL A 62 -2.01 24.50 -3.72
N TYR A 63 -2.13 25.40 -4.69
CA TYR A 63 -3.27 25.52 -5.58
C TYR A 63 -2.90 25.22 -6.99
N LYS A 64 -3.77 24.51 -7.72
CA LYS A 64 -3.56 24.27 -9.16
C LYS A 64 -3.99 25.53 -9.95
N GLY A 65 -3.07 26.03 -10.75
CA GLY A 65 -3.30 27.21 -11.58
C GLY A 65 -3.10 26.96 -13.06
N TYR A 66 -3.65 27.86 -13.88
CA TYR A 66 -3.57 27.84 -15.34
C TYR A 66 -3.28 29.27 -15.81
N VAL A 67 -2.03 29.53 -16.22
CA VAL A 67 -1.54 30.80 -16.73
C VAL A 67 -0.70 30.57 -17.98
N ASN A 68 -1.19 31.07 -19.14
CA ASN A 68 -0.58 30.94 -20.49
C ASN A 68 -0.86 29.59 -21.11
N ASN A 69 -2.11 29.07 -20.93
CA ASN A 69 -2.55 27.71 -21.31
C ASN A 69 -1.71 26.68 -20.54
N THR A 70 -0.79 27.21 -19.71
CA THR A 70 0.25 26.54 -18.93
C THR A 70 -0.20 26.25 -17.49
N THR A 71 -0.19 24.97 -17.12
CA THR A 71 -0.58 24.59 -15.76
C THR A 71 0.53 24.92 -14.78
N VAL A 72 0.18 25.54 -13.63
CA VAL A 72 1.09 25.95 -12.57
C VAL A 72 0.60 25.57 -11.17
N ALA A 73 1.50 25.72 -10.18
CA ALA A 73 1.27 25.52 -8.75
C ALA A 73 1.46 26.87 -8.09
N VAL A 74 0.41 27.35 -7.43
CA VAL A 74 0.43 28.61 -6.72
C VAL A 74 0.44 28.24 -5.27
N LYS A 75 1.51 28.61 -4.56
CA LYS A 75 1.61 28.37 -3.13
C LYS A 75 1.33 29.68 -2.41
N LYS A 76 0.22 29.72 -1.66
CA LYS A 76 -0.18 30.90 -0.88
C LYS A 76 0.29 30.68 0.55
N LEU A 77 1.21 31.54 1.02
CA LEU A 77 1.80 31.40 2.35
C LEU A 77 0.83 31.81 3.48
N GLU A 86 5.98 37.94 9.43
CA GLU A 86 7.25 38.65 9.33
C GLU A 86 8.41 37.67 9.17
N GLU A 87 8.25 36.48 9.77
CA GLU A 87 9.18 35.34 9.74
C GLU A 87 8.83 34.54 8.50
N LEU A 88 7.55 34.67 8.07
CA LEU A 88 6.95 34.05 6.90
C LEU A 88 7.33 34.87 5.67
N LYS A 89 7.68 36.16 5.86
CA LYS A 89 8.17 37.02 4.78
C LYS A 89 9.64 36.66 4.52
N GLN A 90 10.36 36.26 5.59
CA GLN A 90 11.79 35.86 5.52
C GLN A 90 11.96 34.56 4.70
N GLN A 91 11.01 33.61 4.86
CA GLN A 91 10.98 32.34 4.12
C GLN A 91 10.62 32.63 2.65
N PHE A 92 9.74 33.62 2.43
CA PHE A 92 9.36 34.08 1.10
C PHE A 92 10.60 34.58 0.35
N ASP A 93 11.31 35.56 0.92
CA ASP A 93 12.49 36.17 0.30
C ASP A 93 13.63 35.16 0.06
N GLN A 94 13.82 34.22 1.00
CA GLN A 94 14.85 33.17 0.90
C GLN A 94 14.54 32.13 -0.18
N GLU A 95 13.25 31.88 -0.46
CA GLU A 95 12.84 30.95 -1.52
C GLU A 95 13.25 31.58 -2.85
N ILE A 96 12.86 32.85 -3.05
CA ILE A 96 13.18 33.65 -4.23
C ILE A 96 14.70 33.77 -4.40
N LYS A 97 15.42 34.12 -3.29
CA LYS A 97 16.88 34.26 -3.25
C LYS A 97 17.60 32.98 -3.71
N VAL A 98 17.17 31.80 -3.21
CA VAL A 98 17.78 30.53 -3.63
C VAL A 98 17.34 30.13 -5.05
N MET A 99 16.05 30.28 -5.40
CA MET A 99 15.55 29.92 -6.74
C MET A 99 16.20 30.75 -7.85
N ALA A 100 16.68 31.97 -7.53
CA ALA A 100 17.32 32.84 -8.50
C ALA A 100 18.71 32.31 -8.83
N LYS A 101 19.41 31.85 -7.79
CA LYS A 101 20.77 31.35 -7.89
C LYS A 101 20.85 29.94 -8.41
N CYS A 102 19.87 29.08 -8.07
CA CYS A 102 19.90 27.65 -8.39
C CYS A 102 18.86 27.17 -9.38
N GLN A 103 19.32 26.85 -10.59
CA GLN A 103 18.49 26.32 -11.68
C GLN A 103 19.15 25.02 -12.09
N HIS A 104 18.39 23.92 -12.00
CA HIS A 104 18.91 22.59 -12.29
C HIS A 104 17.78 21.63 -12.70
N GLU A 105 18.11 20.57 -13.44
CA GLU A 105 17.14 19.61 -13.94
C GLU A 105 16.46 18.85 -12.81
N ASN A 106 17.09 18.79 -11.65
CA ASN A 106 16.58 18.09 -10.47
C ASN A 106 16.14 19.01 -9.34
N LEU A 107 15.70 20.25 -9.66
CA LEU A 107 15.14 21.22 -8.70
C LEU A 107 13.90 21.80 -9.33
N VAL A 108 12.89 22.18 -8.55
CA VAL A 108 11.68 22.79 -9.10
C VAL A 108 12.02 24.14 -9.68
N GLU A 109 11.13 24.68 -10.48
CA GLU A 109 11.35 25.94 -11.15
C GLU A 109 10.34 26.98 -10.68
N LEU A 110 10.83 28.09 -10.10
CA LEU A 110 9.97 29.18 -9.69
C LEU A 110 9.70 30.05 -10.94
N LEU A 111 8.43 30.34 -11.25
CA LEU A 111 8.10 31.20 -12.37
C LEU A 111 7.95 32.64 -11.91
N GLY A 112 7.38 32.83 -10.73
CA GLY A 112 7.15 34.17 -10.22
C GLY A 112 6.53 34.22 -8.85
N PHE A 113 6.09 35.43 -8.46
CA PHE A 113 5.59 35.70 -7.12
C PHE A 113 4.60 36.88 -7.02
N SER A 114 3.93 37.01 -5.85
CA SER A 114 3.04 38.13 -5.49
C SER A 114 3.32 38.60 -4.06
N CYS A 121 2.39 35.02 -2.41
CA CYS A 121 2.32 33.83 -3.25
C CYS A 121 3.58 33.55 -4.05
N LEU A 122 3.88 32.26 -4.26
CA LEU A 122 4.99 31.77 -5.07
C LEU A 122 4.41 30.87 -6.15
N VAL A 123 4.82 31.06 -7.40
CA VAL A 123 4.29 30.36 -8.57
C VAL A 123 5.36 29.48 -9.20
N TYR A 124 5.08 28.19 -9.33
CA TYR A 124 6.04 27.25 -9.90
C TYR A 124 5.48 26.56 -11.10
N VAL A 125 6.38 25.90 -11.85
CA VAL A 125 5.99 24.99 -12.91
C VAL A 125 5.38 23.75 -12.18
N TYR A 126 4.21 23.35 -12.64
CA TYR A 126 3.44 22.27 -12.05
C TYR A 126 4.08 20.93 -12.27
N MET A 127 4.07 20.12 -11.23
CA MET A 127 4.67 18.79 -11.18
C MET A 127 3.53 17.78 -11.25
N PRO A 128 3.21 17.24 -12.43
CA PRO A 128 1.97 16.46 -12.53
C PRO A 128 1.86 15.18 -11.73
N ASN A 129 2.94 14.73 -11.13
CA ASN A 129 2.99 13.46 -10.43
C ASN A 129 3.19 13.60 -8.92
N GLY A 130 2.99 14.81 -8.41
CA GLY A 130 3.01 15.11 -6.99
C GLY A 130 4.28 14.84 -6.25
N SER A 131 4.16 14.57 -4.95
CA SER A 131 5.31 14.31 -4.10
C SER A 131 5.63 12.84 -4.13
N LEU A 132 6.91 12.51 -3.86
CA LEU A 132 7.37 11.13 -3.75
C LEU A 132 6.66 10.45 -2.59
N LEU A 133 6.32 11.22 -1.53
CA LEU A 133 5.64 10.71 -0.34
C LEU A 133 4.32 10.09 -0.72
N ASP A 134 3.53 10.85 -1.48
CA ASP A 134 2.23 10.42 -1.90
C ASP A 134 2.31 9.34 -2.93
N ARG A 135 3.29 9.40 -3.84
CA ARG A 135 3.42 8.32 -4.80
C ARG A 135 3.85 7.01 -4.12
N LEU A 136 4.61 7.14 -3.03
CA LEU A 136 5.06 6.00 -2.24
C LEU A 136 3.90 5.38 -1.46
N SER A 137 2.97 6.20 -1.01
CA SER A 137 1.79 5.72 -0.31
C SER A 137 0.61 5.39 -1.26
N CYS A 138 0.75 5.59 -2.59
CA CYS A 138 -0.30 5.40 -3.63
C CYS A 138 -1.55 6.19 -3.33
N LEU A 139 -1.36 7.38 -2.76
CA LEU A 139 -2.42 8.30 -2.40
C LEU A 139 -3.30 8.64 -3.58
N ASP A 140 -4.62 8.64 -3.34
CA ASP A 140 -5.62 8.93 -4.36
C ASP A 140 -5.65 7.90 -5.49
N GLY A 141 -5.14 6.71 -5.19
CA GLY A 141 -5.18 5.55 -6.07
C GLY A 141 -4.20 5.48 -7.21
N THR A 142 -3.07 6.22 -7.11
CA THR A 142 -2.06 6.13 -8.15
C THR A 142 -1.41 4.75 -8.05
N PRO A 143 -0.90 4.21 -9.17
CA PRO A 143 -0.21 2.90 -9.07
C PRO A 143 1.15 2.97 -8.37
N PRO A 144 1.58 1.85 -7.74
CA PRO A 144 2.89 1.82 -7.06
C PRO A 144 4.04 2.01 -8.04
N LEU A 145 5.08 2.73 -7.63
CA LEU A 145 6.29 2.96 -8.40
C LEU A 145 7.03 1.66 -8.46
N SER A 146 7.55 1.32 -9.61
CA SER A 146 8.39 0.14 -9.80
C SER A 146 9.79 0.47 -9.26
N TRP A 147 10.61 -0.59 -9.04
CA TRP A 147 12.03 -0.49 -8.68
C TRP A 147 12.80 0.32 -9.73
N HIS A 148 12.50 0.10 -11.01
CA HIS A 148 13.12 0.85 -12.08
C HIS A 148 12.91 2.34 -11.86
N MET A 149 11.63 2.80 -11.65
CA MET A 149 11.30 4.21 -11.42
C MET A 149 11.98 4.75 -10.14
N ARG A 150 11.96 3.95 -9.05
CA ARG A 150 12.59 4.29 -7.77
C ARG A 150 14.11 4.60 -7.87
N CYS A 151 14.83 3.82 -8.67
CA CYS A 151 16.25 4.03 -8.93
C CYS A 151 16.52 5.35 -9.64
N LYS A 152 15.76 5.67 -10.70
CA LYS A 152 15.89 6.95 -11.42
C LYS A 152 15.61 8.12 -10.45
N ILE A 153 14.59 7.94 -9.57
CA ILE A 153 14.18 8.95 -8.62
C ILE A 153 15.28 9.21 -7.62
N ALA A 154 15.82 8.13 -7.02
CA ALA A 154 16.90 8.17 -6.04
C ALA A 154 18.12 8.89 -6.63
N GLN A 155 18.51 8.58 -7.89
CA GLN A 155 19.63 9.21 -8.63
C GLN A 155 19.36 10.68 -8.90
N GLY A 156 18.18 10.97 -9.44
CA GLY A 156 17.76 12.35 -9.67
C GLY A 156 17.84 13.19 -8.42
N ALA A 157 17.29 12.69 -7.28
CA ALA A 157 17.29 13.40 -6.00
C ALA A 157 18.70 13.72 -5.52
N ALA A 158 19.62 12.72 -5.63
CA ALA A 158 21.05 12.84 -5.29
C ALA A 158 21.71 13.90 -6.17
N ASN A 159 21.31 13.98 -7.45
CA ASN A 159 21.80 15.01 -8.37
C ASN A 159 21.38 16.40 -7.96
N GLY A 160 20.12 16.58 -7.54
CA GLY A 160 19.60 17.87 -7.09
C GLY A 160 20.34 18.40 -5.88
N ILE A 161 20.47 17.51 -4.86
CA ILE A 161 21.23 17.75 -3.63
C ILE A 161 22.69 18.12 -3.95
N ASN A 162 23.32 17.43 -4.93
CA ASN A 162 24.69 17.74 -5.33
C ASN A 162 24.83 19.16 -5.85
N PHE A 163 23.92 19.59 -6.71
CA PHE A 163 23.93 20.94 -7.26
C PHE A 163 23.84 21.95 -6.14
N LEU A 164 22.91 21.72 -5.19
CA LEU A 164 22.74 22.60 -4.04
C LEU A 164 24.04 22.75 -3.23
N HIS A 165 24.67 21.61 -2.92
CA HIS A 165 25.91 21.58 -2.13
C HIS A 165 27.10 22.19 -2.87
N GLU A 166 27.18 22.00 -4.22
CA GLU A 166 28.17 22.63 -5.11
C GLU A 166 27.97 24.16 -5.06
N ASN A 167 26.72 24.61 -4.86
CA ASN A 167 26.43 26.03 -4.75
C ASN A 167 26.40 26.51 -3.31
N HIS A 168 27.02 25.75 -2.39
CA HIS A 168 27.12 26.15 -0.98
C HIS A 168 25.77 26.45 -0.33
N HIS A 169 24.80 25.56 -0.58
CA HIS A 169 23.48 25.68 0.02
C HIS A 169 23.14 24.45 0.83
N ILE A 170 22.50 24.69 1.96
CA ILE A 170 22.06 23.61 2.81
C ILE A 170 20.57 23.72 2.79
N HIS A 171 19.90 22.63 2.44
CA HIS A 171 18.44 22.61 2.35
C HIS A 171 17.75 22.70 3.71
N ARG A 172 18.22 21.86 4.67
CA ARG A 172 17.72 21.77 6.03
C ARG A 172 16.38 21.04 6.15
N ASP A 173 15.75 20.62 5.05
CA ASP A 173 14.50 19.85 5.15
C ASP A 173 14.33 18.87 3.97
N ILE A 174 15.30 17.98 3.81
CA ILE A 174 15.24 16.95 2.78
C ILE A 174 14.29 15.86 3.29
N LYS A 175 13.23 15.59 2.53
CA LYS A 175 12.21 14.58 2.86
C LYS A 175 11.42 14.21 1.61
N SER A 176 10.71 13.07 1.58
CA SER A 176 10.00 12.70 0.36
C SER A 176 8.85 13.65 -0.04
N ALA A 177 8.26 14.34 0.94
CA ALA A 177 7.25 15.35 0.64
C ALA A 177 7.86 16.55 -0.13
N ASN A 178 9.18 16.78 -0.02
CA ASN A 178 9.90 17.87 -0.71
C ASN A 178 10.67 17.38 -1.90
N ILE A 179 10.31 16.21 -2.38
CA ILE A 179 10.85 15.68 -3.61
C ILE A 179 9.62 15.53 -4.49
N LEU A 180 9.54 16.34 -5.55
CA LEU A 180 8.41 16.31 -6.47
C LEU A 180 8.72 15.53 -7.75
N LEU A 181 7.68 15.11 -8.47
CA LEU A 181 7.88 14.27 -9.65
C LEU A 181 7.21 14.84 -10.88
N ASP A 182 7.99 15.00 -11.95
CA ASP A 182 7.49 15.64 -13.15
C ASP A 182 6.73 14.66 -14.05
N GLU A 183 6.44 15.12 -15.26
CA GLU A 183 5.72 14.40 -16.30
C GLU A 183 6.47 13.13 -16.77
N ALA A 184 7.71 12.93 -16.33
CA ALA A 184 8.52 11.77 -16.66
C ALA A 184 8.95 11.02 -15.42
N PHE A 185 8.42 11.42 -14.24
CA PHE A 185 8.78 10.89 -12.92
C PHE A 185 10.21 11.25 -12.59
N THR A 186 10.67 12.40 -13.11
CA THR A 186 11.98 12.93 -12.76
C THR A 186 11.82 13.61 -11.40
N ALA A 187 12.74 13.31 -10.49
CA ALA A 187 12.72 13.84 -9.13
C ALA A 187 13.16 15.29 -9.10
N LYS A 188 12.42 16.15 -8.40
CA LYS A 188 12.78 17.56 -8.30
C LYS A 188 12.65 18.03 -6.85
N ILE A 189 13.73 18.55 -6.29
CA ILE A 189 13.75 19.02 -4.92
C ILE A 189 13.07 20.39 -4.87
N SER A 190 12.30 20.64 -3.80
CA SER A 190 11.53 21.84 -3.56
C SER A 190 11.65 22.27 -2.11
N ASP A 191 11.01 23.41 -1.77
CA ASP A 191 10.96 24.07 -0.45
C ASP A 191 12.34 24.52 0.07
N PHE A 192 12.72 25.74 -0.30
CA PHE A 192 13.99 26.37 -0.01
C PHE A 192 13.88 27.56 0.98
N GLY A 193 12.71 27.69 1.63
CA GLY A 193 12.42 28.78 2.58
C GLY A 193 13.28 28.80 3.82
N LEU A 194 13.92 27.65 4.09
CA LEU A 194 14.78 27.48 5.24
C LEU A 194 16.21 27.15 4.87
N ALA A 195 16.54 27.18 3.57
CA ALA A 195 17.90 26.93 3.09
C ALA A 195 18.88 27.99 3.61
N ARG A 196 20.15 27.57 3.83
CA ARG A 196 21.23 28.44 4.31
C ARG A 196 22.50 28.30 3.49
N ALA A 197 23.25 29.39 3.37
CA ALA A 197 24.56 29.43 2.73
C ALA A 197 25.53 28.64 3.64
N VAL A 205 28.89 25.80 12.48
CA VAL A 205 27.84 26.81 12.55
C VAL A 205 26.68 26.32 13.42
N MET A 206 26.21 27.20 14.31
CA MET A 206 25.12 26.90 15.25
C MET A 206 23.93 27.85 15.11
N TPO A 207 22.72 27.32 15.29
CA TPO A 207 21.53 28.15 15.26
CB TPO A 207 20.60 27.92 14.02
CG2 TPO A 207 20.02 26.56 13.70
OG1 TPO A 207 19.46 28.90 13.86
P TPO A 207 19.75 30.41 13.52
O1P TPO A 207 19.86 31.24 14.84
O2P TPO A 207 21.03 30.64 12.68
O3P TPO A 207 18.52 30.95 12.77
C TPO A 207 20.79 28.14 16.61
O TPO A 207 20.93 27.22 17.43
N SEP A 208 20.03 29.20 16.84
CA SEP A 208 19.18 29.30 18.03
CB SEP A 208 19.31 30.64 18.68
OG SEP A 208 18.63 31.68 17.97
C SEP A 208 17.73 28.92 17.68
O SEP A 208 16.92 28.75 18.59
P SEP A 208 18.60 32.97 18.88
O1P SEP A 208 17.85 32.74 20.20
O2P SEP A 208 17.88 34.10 18.15
O3P SEP A 208 20.02 33.49 19.23
N ARG A 209 17.43 28.79 16.37
CA ARG A 209 16.11 28.40 15.87
C ARG A 209 16.18 27.08 15.14
N ILE A 210 15.79 26.01 15.82
CA ILE A 210 15.90 24.67 15.27
C ILE A 210 14.71 24.37 14.35
N VAL A 211 15.02 24.13 13.06
CA VAL A 211 14.07 23.85 11.98
C VAL A 211 14.36 22.49 11.29
N GLY A 212 13.33 21.94 10.65
CA GLY A 212 13.41 20.68 9.94
C GLY A 212 12.27 19.77 10.36
N THR A 213 12.28 18.52 9.87
CA THR A 213 11.26 17.49 10.18
C THR A 213 11.95 16.41 11.00
N THR A 214 11.56 16.31 12.26
CA THR A 214 12.21 15.48 13.25
C THR A 214 12.56 14.07 12.76
N ALA A 215 11.62 13.42 12.10
CA ALA A 215 11.76 12.05 11.64
C ALA A 215 12.86 11.83 10.59
N TYR A 216 13.31 12.94 9.97
CA TYR A 216 14.38 12.94 8.97
C TYR A 216 15.65 13.60 9.47
N MET A 217 15.65 14.23 10.64
CA MET A 217 16.85 14.97 11.05
C MET A 217 17.97 14.17 11.67
N ALA A 218 19.18 14.61 11.38
CA ALA A 218 20.40 14.13 11.99
C ALA A 218 20.44 14.59 13.45
N PRO A 219 21.16 13.86 14.32
CA PRO A 219 21.22 14.29 15.73
C PRO A 219 21.83 15.69 15.90
N GLU A 220 22.91 16.01 15.17
CA GLU A 220 23.52 17.35 15.26
C GLU A 220 22.57 18.50 14.85
N ALA A 221 21.64 18.22 13.91
CA ALA A 221 20.67 19.21 13.46
C ALA A 221 19.59 19.36 14.50
N LEU A 222 19.29 18.29 15.24
CA LEU A 222 18.32 18.38 16.31
C LEU A 222 18.89 19.17 17.48
N ARG A 223 20.24 19.27 17.57
CA ARG A 223 20.91 20.05 18.61
C ARG A 223 21.20 21.47 18.15
N GLY A 224 21.05 21.73 16.87
CA GLY A 224 21.25 23.08 16.35
C GLY A 224 22.39 23.34 15.37
N GLU A 225 23.21 22.34 15.06
CA GLU A 225 24.26 22.56 14.06
C GLU A 225 23.67 22.80 12.71
N ILE A 226 24.35 23.62 11.92
CA ILE A 226 23.98 23.88 10.53
C ILE A 226 25.12 23.43 9.64
N THR A 227 24.94 22.25 9.00
CA THR A 227 25.93 21.60 8.15
C THR A 227 25.34 20.81 6.97
N PRO A 228 25.99 20.81 5.76
CA PRO A 228 25.49 19.99 4.64
C PRO A 228 25.47 18.48 4.91
N LYS A 229 26.14 18.04 5.98
CA LYS A 229 26.23 16.64 6.38
C LYS A 229 24.87 16.15 6.90
N SER A 230 24.05 17.10 7.38
CA SER A 230 22.71 16.85 7.86
C SER A 230 21.78 16.50 6.71
N ASP A 231 21.94 17.15 5.54
CA ASP A 231 21.14 16.88 4.35
C ASP A 231 21.38 15.43 3.89
N ILE A 232 22.64 14.98 4.02
CA ILE A 232 23.02 13.60 3.66
C ILE A 232 22.28 12.57 4.51
N TYR A 233 22.22 12.81 5.82
CA TYR A 233 21.50 11.96 6.76
C TYR A 233 20.01 11.83 6.38
N SER A 234 19.36 12.96 6.09
CA SER A 234 17.95 13.03 5.72
C SER A 234 17.70 12.27 4.43
N PHE A 235 18.64 12.43 3.49
CA PHE A 235 18.56 11.72 2.24
C PHE A 235 18.63 10.24 2.45
N GLY A 236 19.41 9.81 3.44
CA GLY A 236 19.51 8.40 3.80
C GLY A 236 18.18 7.85 4.27
N VAL A 237 17.38 8.67 5.00
CA VAL A 237 16.03 8.33 5.45
C VAL A 237 15.12 8.21 4.23
N VAL A 238 15.24 9.14 3.26
CA VAL A 238 14.47 9.13 1.99
C VAL A 238 14.74 7.83 1.23
N LEU A 239 15.99 7.36 1.22
CA LEU A 239 16.34 6.12 0.55
C LEU A 239 15.62 4.92 1.17
N LEU A 240 15.44 4.94 2.53
CA LEU A 240 14.70 3.91 3.27
C LEU A 240 13.20 3.91 2.91
N GLU A 241 12.59 5.09 2.73
CA GLU A 241 11.20 5.20 2.30
C GLU A 241 11.05 4.61 0.89
N ILE A 242 12.01 4.94 -0.01
CA ILE A 242 12.03 4.45 -1.39
C ILE A 242 12.11 2.90 -1.39
N ILE A 243 13.03 2.32 -0.60
CA ILE A 243 13.19 0.85 -0.52
C ILE A 243 11.95 0.15 0.05
N THR A 244 11.46 0.68 1.16
CA THR A 244 10.41 0.04 1.94
C THR A 244 9.00 0.46 1.63
N GLY A 245 8.82 1.64 1.07
CA GLY A 245 7.50 2.23 0.84
C GLY A 245 6.82 2.72 2.11
N LEU A 246 7.53 2.65 3.27
CA LEU A 246 7.05 3.07 4.59
C LEU A 246 7.37 4.50 4.85
N PRO A 247 6.44 5.25 5.49
CA PRO A 247 6.78 6.64 5.82
C PRO A 247 7.77 6.63 6.99
N ALA A 248 8.58 7.70 7.07
CA ALA A 248 9.64 7.89 8.05
C ALA A 248 9.14 7.77 9.51
N VAL A 249 7.93 8.30 9.76
CA VAL A 249 7.25 8.19 11.05
C VAL A 249 5.80 7.68 10.85
N ASP A 250 5.44 6.67 11.62
CA ASP A 250 4.05 6.18 11.69
C ASP A 250 3.79 5.99 13.17
N GLU A 251 2.93 6.81 13.78
CA GLU A 251 2.69 6.65 15.22
C GLU A 251 2.06 5.30 15.54
N HIS A 252 1.32 4.71 14.56
CA HIS A 252 0.63 3.44 14.72
C HIS A 252 1.45 2.24 14.28
N ARG A 253 2.77 2.40 14.16
CA ARG A 253 3.70 1.32 13.78
C ARG A 253 4.79 1.09 14.84
N GLU A 254 5.38 -0.12 14.87
CA GLU A 254 6.54 -0.47 15.69
C GLU A 254 7.61 -1.03 14.72
N PRO A 255 8.77 -0.34 14.59
CA PRO A 255 9.18 0.89 15.29
C PRO A 255 8.50 2.10 14.69
N GLN A 256 8.17 3.13 15.49
CA GLN A 256 7.49 4.30 14.94
C GLN A 256 8.36 5.06 13.92
N LEU A 257 9.68 5.15 14.15
CA LEU A 257 10.60 5.85 13.25
C LEU A 257 11.28 4.87 12.33
N LEU A 258 11.25 5.13 11.01
CA LEU A 258 11.86 4.26 10.01
C LEU A 258 13.34 4.04 10.26
N LEU A 259 14.08 5.11 10.56
CA LEU A 259 15.53 5.07 10.81
C LEU A 259 15.93 3.95 11.83
N ASP A 260 15.03 3.58 12.75
CA ASP A 260 15.25 2.48 13.71
C ASP A 260 15.45 1.11 13.02
N ILE A 261 15.16 1.02 11.71
CA ILE A 261 15.32 -0.22 10.92
C ILE A 261 16.80 -0.55 10.63
N LYS A 262 17.65 0.48 10.51
CA LYS A 262 19.08 0.27 10.28
C LYS A 262 19.63 -0.59 11.43
N GLU A 263 19.17 -0.32 12.66
CA GLU A 263 19.63 -1.00 13.85
C GLU A 263 19.14 -2.42 13.92
N GLU A 264 17.84 -2.64 13.62
CA GLU A 264 17.25 -3.97 13.56
C GLU A 264 18.01 -4.85 12.60
N ILE A 265 18.24 -4.36 11.38
CA ILE A 265 18.98 -5.09 10.35
C ILE A 265 20.43 -5.26 10.81
N GLU A 266 20.99 -4.17 11.37
CA GLU A 266 22.37 -4.08 11.85
C GLU A 266 22.65 -5.01 13.04
N ASP A 267 21.65 -5.25 13.88
CA ASP A 267 21.78 -6.13 15.04
C ASP A 267 21.05 -7.44 14.78
N GLU A 268 21.16 -7.91 13.51
CA GLU A 268 20.61 -9.08 12.82
C GLU A 268 19.23 -9.60 13.27
N GLU A 269 18.43 -8.74 13.92
CA GLU A 269 17.07 -9.09 14.32
C GLU A 269 16.20 -9.07 13.06
N LYS A 270 16.74 -8.50 11.96
CA LYS A 270 16.04 -8.29 10.72
C LYS A 270 16.91 -8.42 9.49
N THR A 271 16.23 -8.67 8.34
CA THR A 271 16.83 -8.69 7.01
C THR A 271 16.23 -7.51 6.23
N ILE A 272 17.03 -6.90 5.34
CA ILE A 272 16.53 -5.82 4.52
C ILE A 272 15.39 -6.35 3.59
N GLU A 273 15.48 -7.65 3.20
CA GLU A 273 14.45 -8.36 2.41
C GLU A 273 13.09 -8.40 3.13
N ASP A 274 13.09 -8.41 4.46
CA ASP A 274 11.84 -8.35 5.24
C ASP A 274 11.11 -7.03 5.03
N TYR A 275 11.84 -5.95 4.73
CA TYR A 275 11.27 -4.61 4.64
C TYR A 275 11.06 -4.08 3.19
N ILE A 276 11.66 -4.75 2.18
CA ILE A 276 11.51 -4.34 0.78
C ILE A 276 10.02 -4.19 0.48
N ASP A 277 9.61 -3.01 -0.04
CA ASP A 277 8.21 -2.76 -0.39
C ASP A 277 7.67 -3.89 -1.26
N LYS A 278 6.57 -4.50 -0.81
CA LYS A 278 5.95 -5.63 -1.52
C LYS A 278 5.10 -5.21 -2.70
N LYS A 279 4.86 -3.88 -2.86
CA LYS A 279 4.12 -3.35 -4.01
C LYS A 279 4.99 -3.10 -5.27
N MET A 280 6.01 -3.93 -5.49
CA MET A 280 6.87 -3.87 -6.67
C MET A 280 6.94 -5.29 -7.16
N ASN A 281 7.12 -5.49 -8.47
CA ASN A 281 7.30 -6.85 -8.95
C ASN A 281 8.71 -7.03 -9.52
N ASP A 282 9.49 -5.94 -9.66
CA ASP A 282 10.78 -5.90 -10.35
C ASP A 282 12.02 -5.62 -9.51
N ALA A 283 11.91 -5.68 -8.17
CA ALA A 283 13.07 -5.51 -7.33
C ALA A 283 13.96 -6.71 -7.41
N ASP A 284 15.27 -6.48 -7.36
CA ASP A 284 16.28 -7.52 -7.27
C ASP A 284 17.12 -7.27 -6.04
N SER A 285 17.51 -8.34 -5.34
CA SER A 285 18.33 -8.33 -4.13
C SER A 285 19.57 -7.46 -4.27
N THR A 286 20.31 -7.59 -5.38
CA THR A 286 21.58 -6.88 -5.55
C THR A 286 21.43 -5.34 -5.57
N SER A 287 20.53 -4.80 -6.38
CA SER A 287 20.38 -3.34 -6.42
C SER A 287 19.72 -2.79 -5.16
N VAL A 288 18.81 -3.56 -4.56
CA VAL A 288 18.16 -3.15 -3.32
C VAL A 288 19.20 -3.09 -2.20
N GLU A 289 20.08 -4.12 -2.09
CA GLU A 289 21.15 -4.15 -1.10
C GLU A 289 22.13 -3.00 -1.34
N ALA A 290 22.49 -2.75 -2.60
CA ALA A 290 23.35 -1.63 -2.97
C ALA A 290 22.70 -0.27 -2.64
N MET A 291 21.35 -0.12 -2.80
CA MET A 291 20.69 1.12 -2.38
C MET A 291 20.62 1.18 -0.82
N TYR A 292 20.49 0.02 -0.18
CA TYR A 292 20.44 -0.01 1.27
C TYR A 292 21.78 0.34 1.88
N SER A 293 22.88 -0.07 1.22
CA SER A 293 24.24 0.20 1.68
C SER A 293 24.54 1.70 1.63
N VAL A 294 24.04 2.43 0.59
CA VAL A 294 24.12 3.90 0.52
C VAL A 294 23.34 4.53 1.72
N ALA A 295 22.05 4.16 1.92
CA ALA A 295 21.21 4.67 3.01
C ALA A 295 21.86 4.46 4.35
N SER A 296 22.45 3.27 4.56
CA SER A 296 23.14 2.91 5.79
C SER A 296 24.37 3.80 6.03
N GLN A 297 25.11 4.15 4.97
CA GLN A 297 26.28 5.03 5.08
C GLN A 297 25.89 6.49 5.37
N CYS A 298 24.79 6.97 4.74
CA CYS A 298 24.24 8.33 4.92
C CYS A 298 23.79 8.51 6.34
N LEU A 299 23.30 7.41 6.94
CA LEU A 299 22.71 7.38 8.26
C LEU A 299 23.71 7.17 9.42
N HIS A 300 25.01 7.37 9.18
CA HIS A 300 25.95 7.31 10.29
C HIS A 300 25.57 8.37 11.31
N GLU A 301 25.56 7.96 12.59
CA GLU A 301 25.23 8.87 13.69
C GLU A 301 26.28 9.99 13.77
N LYS A 302 27.55 9.66 13.42
CA LYS A 302 28.70 10.58 13.36
C LYS A 302 28.71 11.31 12.02
N LYS A 303 28.42 12.63 12.03
CA LYS A 303 28.35 13.40 10.79
C LYS A 303 29.57 13.26 9.88
N ASN A 304 30.74 13.09 10.46
CA ASN A 304 31.98 13.05 9.70
C ASN A 304 32.24 11.70 9.02
N LYS A 305 31.56 10.63 9.47
CA LYS A 305 31.75 9.30 8.92
C LYS A 305 30.85 9.07 7.71
N ARG A 306 29.84 9.96 7.53
CA ARG A 306 28.91 9.94 6.40
C ARG A 306 29.60 10.21 5.07
N PRO A 307 29.16 9.55 3.96
CA PRO A 307 29.67 9.92 2.63
C PRO A 307 29.24 11.36 2.31
N ASP A 308 29.96 12.04 1.40
CA ASP A 308 29.54 13.36 0.96
C ASP A 308 28.56 13.15 -0.18
N ILE A 309 27.95 14.22 -0.72
CA ILE A 309 26.97 14.03 -1.79
C ILE A 309 27.58 13.46 -3.07
N LYS A 310 28.79 13.93 -3.42
CA LYS A 310 29.48 13.42 -4.60
C LYS A 310 29.70 11.89 -4.50
N LYS A 311 29.94 11.39 -3.30
CA LYS A 311 30.09 9.95 -3.10
C LYS A 311 28.75 9.22 -3.24
N VAL A 312 27.66 9.77 -2.65
CA VAL A 312 26.30 9.20 -2.74
C VAL A 312 25.89 9.06 -4.21
N GLN A 313 26.10 10.14 -4.98
CA GLN A 313 25.81 10.23 -6.42
C GLN A 313 26.49 9.10 -7.17
N GLN A 314 27.80 8.89 -6.94
CA GLN A 314 28.61 7.88 -7.60
C GLN A 314 28.19 6.45 -7.24
N LEU A 315 27.90 6.18 -5.96
CA LEU A 315 27.44 4.86 -5.54
C LEU A 315 26.09 4.48 -6.11
N LEU A 316 25.17 5.46 -6.27
CA LEU A 316 23.84 5.19 -6.84
C LEU A 316 23.95 4.92 -8.33
N GLN A 317 24.95 5.54 -8.97
CA GLN A 317 25.29 5.31 -10.37
C GLN A 317 25.86 3.90 -10.52
N GLU A 318 26.68 3.44 -9.58
CA GLU A 318 27.24 2.09 -9.62
C GLU A 318 26.17 1.03 -9.38
N MET A 319 25.07 1.42 -8.71
CA MET A 319 23.92 0.56 -8.43
C MET A 319 23.24 0.11 -9.74
N THR A 320 23.15 1.00 -10.75
CA THR A 320 22.52 0.65 -12.04
C THR A 320 23.52 0.42 -13.19
N ARG B 26 -18.63 -33.70 -11.85
CA ARG B 26 -17.66 -34.73 -12.25
C ARG B 26 -16.38 -34.10 -12.78
N PHE B 27 -15.32 -34.29 -11.99
CA PHE B 27 -14.01 -33.72 -12.20
C PHE B 27 -13.06 -34.69 -12.85
N HIS B 28 -12.00 -34.15 -13.46
CA HIS B 28 -10.97 -34.94 -14.11
C HIS B 28 -9.94 -35.50 -13.13
N SER B 29 -9.55 -36.77 -13.31
CA SER B 29 -8.54 -37.40 -12.47
C SER B 29 -7.19 -37.27 -13.16
N PHE B 30 -6.34 -36.39 -12.65
CA PHE B 30 -5.02 -36.10 -13.21
C PHE B 30 -3.95 -36.98 -12.58
N SER B 31 -2.88 -37.28 -13.32
CA SER B 31 -1.74 -38.00 -12.73
C SER B 31 -0.83 -36.98 -12.10
N PHE B 32 -0.30 -37.28 -10.91
CA PHE B 32 0.65 -36.38 -10.25
C PHE B 32 1.80 -35.98 -11.21
N TYR B 33 2.20 -36.89 -12.10
CA TYR B 33 3.27 -36.59 -13.02
C TYR B 33 2.77 -35.57 -14.07
N GLU B 34 1.49 -35.65 -14.45
CA GLU B 34 0.88 -34.72 -15.40
C GLU B 34 0.90 -33.28 -14.81
N LEU B 35 0.55 -33.11 -13.52
CA LEU B 35 0.52 -31.79 -12.88
C LEU B 35 1.92 -31.27 -12.52
N LYS B 36 2.90 -32.16 -12.46
CA LYS B 36 4.31 -31.81 -12.32
C LYS B 36 4.79 -31.05 -13.59
N ASN B 37 4.39 -31.47 -14.81
CA ASN B 37 4.89 -30.79 -16.02
C ASN B 37 4.12 -29.52 -16.35
N VAL B 38 2.83 -29.45 -15.95
CA VAL B 38 2.04 -28.26 -16.15
C VAL B 38 2.53 -27.16 -15.22
N THR B 39 3.32 -27.52 -14.20
CA THR B 39 3.82 -26.60 -13.17
C THR B 39 5.33 -26.38 -13.21
N ASN B 40 6.02 -26.87 -14.29
CA ASN B 40 7.48 -26.76 -14.46
C ASN B 40 8.20 -27.42 -13.28
N ASN B 41 7.65 -28.56 -12.81
CA ASN B 41 8.13 -29.33 -11.68
C ASN B 41 7.95 -28.58 -10.34
N PHE B 42 6.82 -27.84 -10.22
CA PHE B 42 6.46 -27.02 -9.07
C PHE B 42 7.59 -26.01 -8.78
N ASP B 43 7.87 -25.16 -9.78
CA ASP B 43 8.92 -24.14 -9.78
C ASP B 43 8.63 -23.01 -8.82
N GLU B 44 9.38 -22.96 -7.73
CA GLU B 44 9.25 -22.06 -6.59
C GLU B 44 9.41 -20.56 -6.87
N ARG B 45 9.97 -20.18 -8.03
CA ARG B 45 10.11 -18.75 -8.32
C ARG B 45 8.76 -18.09 -8.52
N PRO B 46 8.60 -16.84 -8.02
CA PRO B 46 7.31 -16.16 -8.15
C PRO B 46 6.91 -15.92 -9.60
N ILE B 47 5.60 -15.98 -9.87
CA ILE B 47 5.05 -15.75 -11.22
C ILE B 47 5.53 -14.41 -11.75
N SER B 48 5.55 -13.38 -10.87
CA SER B 48 5.99 -11.97 -11.08
C SER B 48 7.33 -11.86 -11.80
N VAL B 49 8.24 -12.79 -11.49
CA VAL B 49 9.52 -12.92 -12.16
C VAL B 49 9.25 -14.01 -13.21
N GLY B 50 9.92 -15.11 -13.22
CA GLY B 50 9.57 -16.07 -14.26
C GLY B 50 8.75 -17.30 -13.92
N GLY B 51 8.87 -17.83 -12.67
CA GLY B 51 8.36 -19.12 -12.22
C GLY B 51 6.89 -19.42 -12.12
N ASN B 52 6.56 -20.40 -11.28
CA ASN B 52 5.21 -20.90 -11.19
C ASN B 52 4.50 -20.80 -9.83
N LYS B 53 5.22 -20.54 -8.72
CA LYS B 53 4.56 -20.43 -7.41
C LYS B 53 3.75 -19.14 -7.35
N MET B 54 2.51 -19.24 -6.98
CA MET B 54 1.65 -18.05 -6.88
C MET B 54 1.71 -17.62 -5.43
N GLY B 55 1.83 -18.60 -4.56
CA GLY B 55 2.02 -18.38 -3.14
C GLY B 55 1.38 -19.48 -2.32
N GLU B 56 1.14 -19.18 -1.06
CA GLU B 56 0.47 -20.09 -0.15
C GLU B 56 -1.02 -19.74 -0.01
N GLY B 57 -1.85 -20.77 -0.04
CA GLY B 57 -3.29 -20.61 0.01
C GLY B 57 -4.06 -21.77 0.59
N GLY B 58 -4.03 -21.85 1.93
CA GLY B 58 -4.78 -22.83 2.70
C GLY B 58 -4.34 -24.26 2.55
N PHE B 59 -3.47 -24.71 3.50
CA PHE B 59 -2.92 -26.07 3.67
C PHE B 59 -2.12 -26.57 2.46
N GLY B 60 -1.65 -25.63 1.66
CA GLY B 60 -0.82 -25.95 0.51
C GLY B 60 -0.27 -24.74 -0.18
N VAL B 61 0.59 -25.00 -1.17
CA VAL B 61 1.15 -23.96 -2.06
C VAL B 61 0.42 -24.06 -3.42
N VAL B 62 0.11 -22.88 -3.99
CA VAL B 62 -0.64 -22.71 -5.24
C VAL B 62 0.31 -22.36 -6.37
N TYR B 63 0.23 -23.14 -7.46
CA TYR B 63 1.08 -22.98 -8.63
C TYR B 63 0.29 -22.71 -9.89
N LYS B 64 0.87 -21.89 -10.80
CA LYS B 64 0.24 -21.60 -12.10
C LYS B 64 0.55 -22.76 -13.02
N GLY B 65 -0.42 -23.14 -13.83
CA GLY B 65 -0.23 -24.22 -14.79
C GLY B 65 -1.04 -24.01 -16.04
N TYR B 66 -0.77 -24.80 -17.09
CA TYR B 66 -1.54 -24.73 -18.34
C TYR B 66 -1.89 -26.14 -18.76
N VAL B 67 -3.18 -26.45 -18.85
CA VAL B 67 -3.64 -27.75 -19.34
C VAL B 67 -4.29 -27.51 -20.68
N ASN B 68 -3.57 -27.85 -21.75
CA ASN B 68 -3.92 -27.63 -23.13
C ASN B 68 -3.88 -26.11 -23.28
N ASN B 69 -5.01 -25.51 -23.49
CA ASN B 69 -4.94 -24.08 -23.62
C ASN B 69 -5.58 -23.38 -22.47
N THR B 70 -5.91 -24.14 -21.41
CA THR B 70 -6.53 -23.57 -20.20
C THR B 70 -5.49 -23.23 -19.14
N THR B 71 -5.51 -21.98 -18.63
CA THR B 71 -4.66 -21.61 -17.50
C THR B 71 -5.35 -22.16 -16.27
N VAL B 72 -4.59 -22.88 -15.46
CA VAL B 72 -5.10 -23.44 -14.22
C VAL B 72 -4.28 -22.98 -13.03
N ALA B 73 -4.85 -23.23 -11.85
CA ALA B 73 -4.26 -23.10 -10.53
C ALA B 73 -4.18 -24.52 -9.96
N VAL B 74 -2.97 -24.98 -9.64
CA VAL B 74 -2.73 -26.29 -8.99
C VAL B 74 -2.37 -26.03 -7.56
N LYS B 75 -3.19 -26.53 -6.64
CA LYS B 75 -2.89 -26.52 -5.22
C LYS B 75 -2.36 -27.90 -4.82
N LYS B 76 -1.09 -27.97 -4.42
CA LYS B 76 -0.48 -29.18 -3.87
C LYS B 76 -0.57 -29.09 -2.36
N LEU B 77 -1.18 -30.09 -1.71
CA LEU B 77 -1.40 -30.08 -0.25
C LEU B 77 -0.21 -30.58 0.55
N GLU B 86 -3.68 -37.84 7.38
CA GLU B 86 -5.02 -38.33 7.14
C GLU B 86 -6.12 -37.25 7.24
N GLU B 87 -5.90 -36.20 8.06
CA GLU B 87 -6.78 -35.03 8.23
C GLU B 87 -6.83 -34.16 6.95
N LEU B 88 -5.72 -34.22 6.20
CA LEU B 88 -5.48 -33.51 4.96
C LEU B 88 -6.21 -34.18 3.83
N LYS B 89 -6.44 -35.51 3.91
CA LYS B 89 -7.24 -36.29 2.94
C LYS B 89 -8.70 -36.01 3.22
N GLN B 90 -9.04 -35.73 4.47
CA GLN B 90 -10.42 -35.42 4.79
C GLN B 90 -10.85 -34.08 4.17
N GLN B 91 -9.97 -33.07 4.26
CA GLN B 91 -10.17 -31.74 3.70
C GLN B 91 -10.20 -31.77 2.18
N PHE B 92 -9.31 -32.60 1.59
CA PHE B 92 -9.24 -32.86 0.16
C PHE B 92 -10.61 -33.37 -0.33
N ASP B 93 -11.14 -34.37 0.36
CA ASP B 93 -12.43 -34.97 0.03
C ASP B 93 -13.62 -34.03 0.28
N GLN B 94 -13.55 -33.15 1.32
CA GLN B 94 -14.64 -32.19 1.56
C GLN B 94 -14.67 -31.14 0.46
N GLU B 95 -13.49 -30.64 0.05
CA GLU B 95 -13.38 -29.68 -1.04
C GLU B 95 -14.06 -30.26 -2.28
N ILE B 96 -13.66 -31.47 -2.68
CA ILE B 96 -14.22 -32.13 -3.86
C ILE B 96 -15.73 -32.30 -3.71
N LYS B 97 -16.18 -32.60 -2.51
CA LYS B 97 -17.57 -32.83 -2.15
C LYS B 97 -18.41 -31.57 -2.25
N VAL B 98 -17.93 -30.43 -1.68
CA VAL B 98 -18.68 -29.17 -1.73
C VAL B 98 -18.75 -28.70 -3.18
N MET B 99 -17.64 -28.80 -3.90
CA MET B 99 -17.53 -28.36 -5.30
C MET B 99 -18.39 -29.18 -6.24
N ALA B 100 -18.65 -30.45 -5.88
CA ALA B 100 -19.52 -31.33 -6.65
C ALA B 100 -20.94 -30.80 -6.66
N LYS B 101 -21.44 -30.34 -5.49
CA LYS B 101 -22.81 -29.85 -5.32
C LYS B 101 -23.02 -28.35 -5.57
N CYS B 102 -21.94 -27.54 -5.51
CA CYS B 102 -21.99 -26.08 -5.54
C CYS B 102 -21.34 -25.44 -6.77
N GLN B 103 -22.17 -24.92 -7.68
CA GLN B 103 -21.74 -24.21 -8.87
C GLN B 103 -22.42 -22.84 -8.92
N HIS B 104 -21.63 -21.79 -8.88
CA HIS B 104 -22.15 -20.44 -8.85
C HIS B 104 -21.09 -19.55 -9.44
N GLU B 105 -21.53 -18.42 -10.01
CA GLU B 105 -20.66 -17.42 -10.60
C GLU B 105 -19.68 -16.78 -9.59
N ASN B 106 -20.00 -16.81 -8.27
CA ASN B 106 -19.13 -16.26 -7.23
C ASN B 106 -18.46 -17.29 -6.36
N LEU B 107 -18.20 -18.49 -6.91
CA LEU B 107 -17.45 -19.55 -6.23
C LEU B 107 -16.40 -19.96 -7.21
N VAL B 108 -15.23 -20.34 -6.72
CA VAL B 108 -14.18 -20.85 -7.61
C VAL B 108 -14.65 -22.18 -8.23
N GLU B 109 -14.05 -22.53 -9.37
CA GLU B 109 -14.40 -23.77 -10.01
C GLU B 109 -13.29 -24.77 -9.97
N LEU B 110 -13.60 -25.99 -9.52
CA LEU B 110 -12.64 -27.11 -9.49
C LEU B 110 -12.71 -27.84 -10.81
N LEU B 111 -11.56 -28.16 -11.42
CA LEU B 111 -11.55 -28.89 -12.69
C LEU B 111 -11.14 -30.35 -12.55
N GLY B 112 -10.42 -30.63 -11.48
CA GLY B 112 -9.87 -31.95 -11.25
C GLY B 112 -9.00 -32.04 -10.02
N PHE B 113 -8.39 -33.22 -9.87
CA PHE B 113 -7.58 -33.54 -8.70
C PHE B 113 -6.59 -34.65 -9.04
N SER B 114 -5.61 -34.83 -8.18
CA SER B 114 -4.64 -35.91 -8.28
C SER B 114 -4.60 -36.52 -6.90
N SER B 115 -4.98 -37.81 -6.81
CA SER B 115 -5.03 -38.56 -5.55
C SER B 115 -3.90 -39.60 -5.38
N ASP B 116 -3.18 -39.93 -6.47
CA ASP B 116 -2.07 -40.89 -6.52
C ASP B 116 -0.88 -40.39 -5.67
N GLY B 117 -0.16 -41.32 -5.06
CA GLY B 117 0.98 -41.04 -4.20
C GLY B 117 0.66 -40.18 -2.99
N ASP B 118 1.69 -39.86 -2.21
CA ASP B 118 1.52 -39.06 -1.01
C ASP B 118 1.26 -37.57 -1.27
N ASP B 119 1.11 -37.13 -2.55
CA ASP B 119 0.85 -35.72 -2.84
C ASP B 119 -0.55 -35.52 -3.33
N LEU B 120 -1.38 -34.85 -2.56
CA LEU B 120 -2.72 -34.59 -3.03
C LEU B 120 -2.72 -33.25 -3.72
N CYS B 121 -3.35 -33.19 -4.92
CA CYS B 121 -3.44 -32.00 -5.74
C CYS B 121 -4.85 -31.64 -6.10
N LEU B 122 -5.15 -30.34 -6.14
CA LEU B 122 -6.45 -29.83 -6.56
C LEU B 122 -6.22 -28.83 -7.67
N VAL B 123 -6.94 -29.01 -8.77
CA VAL B 123 -6.81 -28.20 -9.98
C VAL B 123 -8.05 -27.31 -10.22
N TYR B 124 -7.87 -25.98 -10.30
CA TYR B 124 -8.97 -25.01 -10.45
C TYR B 124 -8.86 -24.12 -11.67
N VAL B 125 -9.96 -23.47 -12.05
CA VAL B 125 -9.91 -22.44 -13.07
C VAL B 125 -9.09 -21.27 -12.44
N TYR B 126 -8.03 -20.80 -13.13
CA TYR B 126 -7.16 -19.71 -12.68
C TYR B 126 -7.85 -18.37 -12.62
N MET B 127 -7.54 -17.64 -11.56
CA MET B 127 -8.12 -16.34 -11.30
C MET B 127 -7.01 -15.33 -11.58
N PRO B 128 -7.04 -14.61 -12.72
CA PRO B 128 -5.91 -13.74 -13.10
C PRO B 128 -5.57 -12.58 -12.17
N ASN B 129 -6.51 -12.19 -11.34
CA ASN B 129 -6.26 -11.08 -10.44
C ASN B 129 -6.02 -11.49 -8.95
N GLY B 130 -5.70 -12.77 -8.70
CA GLY B 130 -5.35 -13.28 -7.36
C GLY B 130 -6.35 -13.04 -6.28
N SER B 131 -5.89 -12.75 -5.08
CA SER B 131 -6.82 -12.57 -3.98
C SER B 131 -7.21 -11.13 -3.72
N LEU B 132 -8.33 -10.95 -3.03
CA LEU B 132 -8.75 -9.62 -2.59
C LEU B 132 -7.67 -9.04 -1.65
N LEU B 133 -7.11 -9.88 -0.74
CA LEU B 133 -6.05 -9.43 0.19
C LEU B 133 -4.87 -8.77 -0.55
N ASP B 134 -4.41 -9.41 -1.59
CA ASP B 134 -3.23 -8.94 -2.30
C ASP B 134 -3.52 -7.72 -3.15
N ARG B 135 -4.76 -7.64 -3.67
CA ARG B 135 -5.18 -6.48 -4.44
C ARG B 135 -5.37 -5.26 -3.52
N LEU B 136 -5.82 -5.51 -2.26
CA LEU B 136 -5.94 -4.42 -1.29
C LEU B 136 -4.61 -3.91 -0.80
N SER B 137 -3.59 -4.74 -0.85
CA SER B 137 -2.24 -4.32 -0.47
C SER B 137 -1.42 -3.89 -1.67
N CYS B 138 -1.97 -4.04 -2.91
CA CYS B 138 -1.32 -3.68 -4.18
C CYS B 138 -0.07 -4.47 -4.36
N LEU B 139 -0.11 -5.73 -3.92
CA LEU B 139 1.03 -6.65 -4.00
C LEU B 139 1.50 -6.75 -5.43
N ASP B 140 2.82 -6.83 -5.63
CA ASP B 140 3.43 -6.93 -6.97
C ASP B 140 3.15 -5.72 -7.87
N GLY B 141 2.87 -4.57 -7.25
CA GLY B 141 2.66 -3.32 -7.95
C GLY B 141 1.39 -3.14 -8.76
N THR B 142 0.32 -3.86 -8.36
CA THR B 142 -0.98 -3.73 -9.02
C THR B 142 -1.62 -2.43 -8.58
N PRO B 143 -2.49 -1.82 -9.42
CA PRO B 143 -3.10 -0.52 -9.04
C PRO B 143 -4.11 -0.66 -7.91
N PRO B 144 -4.24 0.37 -7.04
CA PRO B 144 -5.28 0.30 -5.99
C PRO B 144 -6.68 0.18 -6.61
N LEU B 145 -7.54 -0.67 -6.05
CA LEU B 145 -8.93 -0.86 -6.48
C LEU B 145 -9.71 0.43 -6.21
N SER B 146 -10.52 0.83 -7.18
CA SER B 146 -11.37 2.00 -6.99
C SER B 146 -12.49 1.59 -6.06
N TRP B 147 -13.17 2.59 -5.50
CA TRP B 147 -14.33 2.39 -4.64
C TRP B 147 -15.44 1.68 -5.41
N HIS B 148 -15.62 2.06 -6.68
CA HIS B 148 -16.60 1.44 -7.54
C HIS B 148 -16.35 -0.09 -7.62
N MET B 149 -15.08 -0.52 -7.90
CA MET B 149 -14.75 -1.94 -7.98
C MET B 149 -14.91 -2.68 -6.64
N ARG B 150 -14.59 -2.03 -5.49
CA ARG B 150 -14.73 -2.63 -4.14
C ARG B 150 -16.19 -2.93 -3.78
N CYS B 151 -17.12 -2.07 -4.22
CA CYS B 151 -18.55 -2.26 -4.05
C CYS B 151 -19.06 -3.52 -4.77
N LYS B 152 -18.69 -3.67 -6.05
CA LYS B 152 -19.02 -4.84 -6.88
C LYS B 152 -18.41 -6.10 -6.28
N ILE B 153 -17.16 -6.02 -5.79
CA ILE B 153 -16.52 -7.16 -5.14
C ILE B 153 -17.26 -7.54 -3.83
N ALA B 154 -17.65 -6.54 -3.02
CA ALA B 154 -18.39 -6.81 -1.79
C ALA B 154 -19.70 -7.51 -2.13
N GLN B 155 -20.42 -7.01 -3.15
CA GLN B 155 -21.69 -7.57 -3.62
C GLN B 155 -21.50 -9.00 -4.14
N GLY B 156 -20.47 -9.22 -4.95
CA GLY B 156 -20.13 -10.54 -5.47
C GLY B 156 -19.86 -11.57 -4.39
N ALA B 157 -19.04 -11.20 -3.37
CA ALA B 157 -18.69 -12.09 -2.23
C ALA B 157 -19.93 -12.44 -1.42
N ALA B 158 -20.80 -11.45 -1.17
CA ALA B 158 -22.05 -11.63 -0.45
C ALA B 158 -22.93 -12.65 -1.19
N ASN B 159 -22.99 -12.57 -2.53
CA ASN B 159 -23.71 -13.49 -3.42
C ASN B 159 -23.16 -14.94 -3.35
N GLY B 160 -21.83 -15.10 -3.25
CA GLY B 160 -21.18 -16.40 -3.08
C GLY B 160 -21.61 -17.03 -1.76
N ILE B 161 -21.48 -16.28 -0.65
CA ILE B 161 -21.91 -16.73 0.69
C ILE B 161 -23.40 -17.04 0.71
N ASN B 162 -24.24 -16.22 0.06
CA ASN B 162 -25.66 -16.54 0.01
C ASN B 162 -25.91 -17.91 -0.64
N PHE B 163 -25.19 -18.23 -1.72
CA PHE B 163 -25.36 -19.52 -2.38
C PHE B 163 -25.02 -20.67 -1.45
N LEU B 164 -23.86 -20.58 -0.77
CA LEU B 164 -23.42 -21.60 0.18
C LEU B 164 -24.48 -21.82 1.25
N HIS B 165 -24.97 -20.74 1.85
CA HIS B 165 -25.93 -20.77 2.95
C HIS B 165 -27.31 -21.27 2.49
N GLU B 166 -27.78 -20.89 1.28
CA GLU B 166 -29.01 -21.40 0.65
C GLU B 166 -28.88 -22.92 0.46
N ASN B 167 -27.65 -23.40 0.27
CA ASN B 167 -27.38 -24.81 0.12
C ASN B 167 -26.88 -25.48 1.41
N HIS B 168 -27.08 -24.81 2.57
CA HIS B 168 -26.81 -25.29 3.93
C HIS B 168 -25.35 -25.66 4.20
N HIS B 169 -24.46 -24.81 3.73
CA HIS B 169 -23.05 -24.96 4.02
C HIS B 169 -22.55 -23.76 4.80
N ILE B 170 -21.67 -24.04 5.77
CA ILE B 170 -21.00 -23.06 6.60
C ILE B 170 -19.56 -23.11 6.05
N HIS B 171 -19.04 -21.96 5.64
CA HIS B 171 -17.71 -21.89 5.04
C HIS B 171 -16.62 -22.13 6.08
N ARG B 172 -16.69 -21.37 7.19
CA ARG B 172 -15.85 -21.45 8.39
C ARG B 172 -14.50 -20.74 8.25
N ASP B 173 -14.16 -20.19 7.08
CA ASP B 173 -12.92 -19.41 6.93
C ASP B 173 -13.01 -18.30 5.87
N ILE B 174 -13.98 -17.42 6.04
CA ILE B 174 -14.22 -16.28 5.20
C ILE B 174 -13.15 -15.25 5.56
N LYS B 175 -12.32 -14.86 4.61
CA LYS B 175 -11.24 -13.88 4.78
C LYS B 175 -10.90 -13.32 3.43
N SER B 176 -10.36 -12.10 3.35
CA SER B 176 -10.04 -11.53 2.05
C SER B 176 -9.07 -12.44 1.23
N ALA B 177 -8.27 -13.27 1.87
CA ALA B 177 -7.38 -14.19 1.17
C ALA B 177 -8.08 -15.33 0.41
N ASN B 178 -9.32 -15.65 0.83
CA ASN B 178 -10.21 -16.69 0.31
C ASN B 178 -11.30 -16.11 -0.60
N ILE B 179 -11.10 -14.86 -1.05
CA ILE B 179 -11.94 -14.19 -2.04
C ILE B 179 -10.99 -13.92 -3.20
N LEU B 180 -11.16 -14.67 -4.30
CA LEU B 180 -10.33 -14.55 -5.49
C LEU B 180 -10.98 -13.63 -6.53
N LEU B 181 -10.18 -13.02 -7.46
CA LEU B 181 -10.66 -12.05 -8.42
C LEU B 181 -10.36 -12.52 -9.84
N ASP B 182 -11.39 -12.59 -10.70
CA ASP B 182 -11.17 -13.08 -12.06
C ASP B 182 -10.75 -11.92 -12.95
N GLU B 183 -10.74 -12.16 -14.27
CA GLU B 183 -10.28 -11.19 -15.26
C GLU B 183 -11.05 -9.87 -15.18
N ALA B 184 -12.36 -9.92 -14.80
CA ALA B 184 -13.20 -8.73 -14.62
C ALA B 184 -13.37 -8.33 -13.16
N PHE B 185 -12.54 -8.87 -12.26
CA PHE B 185 -12.62 -8.58 -10.84
C PHE B 185 -13.93 -9.05 -10.23
N THR B 186 -14.48 -10.14 -10.81
CA THR B 186 -15.63 -10.79 -10.21
C THR B 186 -15.08 -11.54 -8.99
N ALA B 187 -15.69 -11.28 -7.80
CA ALA B 187 -15.28 -11.95 -6.58
C ALA B 187 -15.70 -13.44 -6.57
N LYS B 188 -14.79 -14.33 -6.21
CA LYS B 188 -15.11 -15.75 -6.05
C LYS B 188 -14.59 -16.34 -4.74
N ILE B 189 -15.48 -16.95 -3.96
CA ILE B 189 -15.12 -17.62 -2.70
C ILE B 189 -14.39 -18.92 -3.00
N SER B 190 -13.32 -19.16 -2.26
CA SER B 190 -12.51 -20.38 -2.39
C SER B 190 -12.24 -21.00 -1.06
N ASP B 191 -11.53 -22.15 -1.07
CA ASP B 191 -11.08 -22.93 0.08
C ASP B 191 -12.23 -23.44 0.95
N PHE B 192 -12.86 -24.51 0.49
CA PHE B 192 -13.97 -25.16 1.19
C PHE B 192 -13.51 -26.45 1.90
N GLY B 193 -12.21 -26.57 2.20
CA GLY B 193 -11.64 -27.75 2.86
C GLY B 193 -12.13 -28.01 4.27
N LEU B 194 -12.64 -26.95 4.92
CA LEU B 194 -13.14 -26.99 6.29
C LEU B 194 -14.64 -26.74 6.36
N ALA B 195 -15.32 -26.52 5.22
CA ALA B 195 -16.77 -26.25 5.21
C ALA B 195 -17.59 -27.33 5.95
N ARG B 196 -18.77 -26.97 6.47
CA ARG B 196 -19.67 -27.88 7.19
C ARG B 196 -21.09 -27.83 6.70
N ALA B 197 -21.76 -29.00 6.62
CA ALA B 197 -23.20 -29.03 6.32
C ALA B 197 -23.87 -28.47 7.60
N MET B 206 -21.49 -27.72 18.40
CA MET B 206 -20.13 -27.53 18.94
C MET B 206 -19.09 -28.50 18.39
N TPO B 207 -17.81 -28.11 18.48
CA TPO B 207 -16.70 -28.91 17.93
CB TPO B 207 -16.46 -28.63 16.38
CG2 TPO B 207 -16.29 -27.16 15.94
OG1 TPO B 207 -15.36 -29.41 15.76
P TPO B 207 -15.69 -30.85 15.27
O1P TPO B 207 -15.11 -32.05 16.05
O2P TPO B 207 -17.15 -31.08 14.93
O3P TPO B 207 -14.96 -30.94 13.96
C TPO B 207 -15.47 -28.80 18.83
O TPO B 207 -15.26 -27.83 19.54
N SEP B 208 -14.70 -29.86 18.83
CA SEP B 208 -13.51 -29.95 19.68
CB SEP B 208 -13.44 -31.35 20.29
OG SEP B 208 -13.60 -32.38 19.29
C SEP B 208 -12.25 -29.52 18.94
O SEP B 208 -11.22 -29.31 19.59
P SEP B 208 -13.27 -33.77 19.89
O1P SEP B 208 -12.03 -33.75 20.82
O2P SEP B 208 -13.03 -34.72 18.67
O3P SEP B 208 -14.44 -34.26 20.76
N ARG B 209 -12.33 -29.36 17.61
CA ARG B 209 -11.23 -28.87 16.77
C ARG B 209 -11.65 -27.51 16.20
N ILE B 210 -11.22 -26.43 16.86
CA ILE B 210 -11.54 -25.07 16.46
C ILE B 210 -10.67 -24.71 15.27
N VAL B 211 -11.33 -24.41 14.15
CA VAL B 211 -10.68 -24.00 12.90
C VAL B 211 -11.12 -22.60 12.47
N GLY B 212 -10.25 -21.96 11.70
CA GLY B 212 -10.48 -20.64 11.15
C GLY B 212 -9.28 -19.75 11.30
N THR B 213 -9.41 -18.47 10.93
CA THR B 213 -8.33 -17.48 11.05
C THR B 213 -8.78 -16.56 12.16
N THR B 214 -8.03 -16.50 13.29
CA THR B 214 -8.45 -15.77 14.50
C THR B 214 -8.88 -14.32 14.27
N ALA B 215 -8.11 -13.55 13.49
CA ALA B 215 -8.42 -12.16 13.23
C ALA B 215 -9.78 -11.89 12.54
N TYR B 216 -10.37 -12.92 11.92
CA TYR B 216 -11.68 -12.80 11.28
C TYR B 216 -12.79 -13.50 12.03
N MET B 217 -12.49 -14.25 13.10
CA MET B 217 -13.48 -15.09 13.75
C MET B 217 -14.40 -14.44 14.74
N ALA B 218 -15.65 -14.86 14.68
CA ALA B 218 -16.71 -14.47 15.60
C ALA B 218 -16.36 -15.07 16.96
N PRO B 219 -16.80 -14.46 18.09
CA PRO B 219 -16.42 -15.03 19.39
C PRO B 219 -16.98 -16.42 19.64
N GLU B 220 -18.21 -16.69 19.20
CA GLU B 220 -18.77 -18.03 19.34
C GLU B 220 -17.98 -19.05 18.52
N ALA B 221 -17.42 -18.64 17.38
CA ALA B 221 -16.60 -19.55 16.60
C ALA B 221 -15.27 -19.82 17.30
N LEU B 222 -14.74 -18.82 18.02
CA LEU B 222 -13.45 -19.02 18.73
C LEU B 222 -13.59 -19.97 19.94
N ARG B 223 -14.84 -20.27 20.31
CA ARG B 223 -15.22 -21.12 21.44
C ARG B 223 -15.69 -22.49 20.97
N GLY B 224 -15.79 -22.68 19.66
CA GLY B 224 -16.08 -23.99 19.10
C GLY B 224 -17.46 -24.20 18.55
N GLU B 225 -18.25 -23.14 18.48
CA GLU B 225 -19.58 -23.24 17.94
C GLU B 225 -19.45 -23.25 16.42
N ILE B 226 -20.33 -24.02 15.78
CA ILE B 226 -20.40 -24.08 14.32
C ILE B 226 -21.76 -23.53 13.93
N THR B 227 -21.78 -22.34 13.31
CA THR B 227 -23.02 -21.67 12.89
C THR B 227 -22.82 -20.80 11.66
N PRO B 228 -23.80 -20.72 10.70
CA PRO B 228 -23.63 -19.80 9.56
C PRO B 228 -23.47 -18.35 10.00
N LYS B 229 -23.92 -18.03 11.23
CA LYS B 229 -23.87 -16.69 11.81
C LYS B 229 -22.43 -16.19 11.98
N SER B 230 -21.46 -17.12 12.09
CA SER B 230 -20.05 -16.83 12.21
C SER B 230 -19.41 -16.40 10.89
N ASP B 231 -19.88 -16.96 9.75
CA ASP B 231 -19.43 -16.59 8.41
C ASP B 231 -19.79 -15.11 8.16
N ILE B 232 -20.98 -14.69 8.60
CA ILE B 232 -21.39 -13.28 8.47
C ILE B 232 -20.46 -12.34 9.23
N TYR B 233 -20.04 -12.75 10.43
CA TYR B 233 -19.17 -11.94 11.24
C TYR B 233 -17.88 -11.74 10.49
N SER B 234 -17.32 -12.84 9.99
CA SER B 234 -16.09 -12.83 9.22
C SER B 234 -16.22 -11.94 7.98
N PHE B 235 -17.38 -11.96 7.31
CA PHE B 235 -17.64 -11.04 6.20
C PHE B 235 -17.57 -9.57 6.65
N GLY B 236 -18.01 -9.24 7.90
CA GLY B 236 -17.93 -7.87 8.41
C GLY B 236 -16.50 -7.42 8.50
N VAL B 237 -15.59 -8.31 8.87
CA VAL B 237 -14.17 -7.97 8.92
C VAL B 237 -13.69 -7.66 7.51
N VAL B 238 -14.10 -8.50 6.52
CA VAL B 238 -13.75 -8.36 5.10
C VAL B 238 -14.19 -7.00 4.61
N LEU B 239 -15.42 -6.59 4.97
CA LEU B 239 -15.92 -5.27 4.59
C LEU B 239 -15.06 -4.12 5.18
N LEU B 240 -14.51 -4.29 6.39
CA LEU B 240 -13.63 -3.27 6.95
C LEU B 240 -12.32 -3.24 6.20
N GLU B 241 -11.81 -4.40 5.76
CA GLU B 241 -10.59 -4.47 4.93
C GLU B 241 -10.85 -3.75 3.60
N ILE B 242 -12.06 -3.91 3.02
CA ILE B 242 -12.44 -3.24 1.75
C ILE B 242 -12.46 -1.69 1.90
N ILE B 243 -13.05 -1.19 2.98
CA ILE B 243 -13.13 0.25 3.27
C ILE B 243 -11.79 0.89 3.56
N THR B 244 -11.03 0.26 4.47
CA THR B 244 -9.82 0.84 4.99
C THR B 244 -8.61 0.47 4.23
N GLY B 245 -8.67 -0.67 3.54
CA GLY B 245 -7.50 -1.23 2.87
C GLY B 245 -6.44 -1.85 3.81
N LEU B 246 -6.74 -1.99 5.12
CA LEU B 246 -5.84 -2.51 6.14
C LEU B 246 -6.01 -3.99 6.37
N PRO B 247 -4.93 -4.76 6.65
CA PRO B 247 -5.15 -6.18 6.93
C PRO B 247 -5.81 -6.36 8.30
N ALA B 248 -6.56 -7.47 8.42
CA ALA B 248 -7.30 -7.82 9.63
C ALA B 248 -6.41 -7.84 10.81
N VAL B 249 -5.16 -8.26 10.62
CA VAL B 249 -4.19 -8.24 11.71
C VAL B 249 -2.87 -7.68 11.21
N ASP B 250 -2.29 -6.79 12.01
CA ASP B 250 -0.97 -6.27 11.75
C ASP B 250 -0.32 -6.19 13.10
N GLU B 251 0.64 -7.11 13.33
CA GLU B 251 1.35 -7.19 14.60
C GLU B 251 2.15 -5.92 14.89
N HIS B 252 2.62 -5.24 13.82
CA HIS B 252 3.36 -3.98 13.97
C HIS B 252 2.46 -2.73 13.93
N ARG B 253 1.13 -2.89 14.11
CA ARG B 253 0.17 -1.79 14.13
C ARG B 253 -0.53 -1.67 15.48
N GLU B 254 -1.08 -0.50 15.80
CA GLU B 254 -1.92 -0.28 16.97
C GLU B 254 -3.23 0.36 16.48
N PRO B 255 -4.41 -0.32 16.58
CA PRO B 255 -4.69 -1.68 17.12
C PRO B 255 -4.24 -2.78 16.19
N GLN B 256 -3.86 -3.92 16.79
CA GLN B 256 -3.37 -5.04 16.01
C GLN B 256 -4.46 -5.61 15.15
N LEU B 257 -5.67 -5.71 15.70
CA LEU B 257 -6.84 -6.27 15.04
C LEU B 257 -7.73 -5.18 14.50
N LEU B 258 -8.08 -5.26 13.21
CA LEU B 258 -8.95 -4.30 12.54
C LEU B 258 -10.30 -4.17 13.21
N LEU B 259 -10.86 -5.30 13.66
CA LEU B 259 -12.16 -5.29 14.31
C LEU B 259 -12.24 -4.29 15.50
N ASP B 260 -11.12 -3.94 16.19
CA ASP B 260 -11.11 -2.93 17.25
C ASP B 260 -11.47 -1.51 16.79
N ILE B 261 -11.46 -1.29 15.49
CA ILE B 261 -11.76 0.02 14.91
C ILE B 261 -13.24 0.32 15.06
N LYS B 262 -14.10 -0.72 15.01
CA LYS B 262 -15.53 -0.56 15.23
C LYS B 262 -15.76 0.10 16.62
N GLU B 263 -14.91 -0.26 17.61
CA GLU B 263 -15.05 0.30 18.96
C GLU B 263 -14.54 1.72 19.04
N GLU B 264 -13.44 2.03 18.34
CA GLU B 264 -12.93 3.41 18.33
C GLU B 264 -13.92 4.37 17.75
N ILE B 265 -14.61 3.94 16.71
CA ILE B 265 -15.59 4.70 15.96
C ILE B 265 -16.86 4.80 16.79
N GLU B 266 -17.33 3.65 17.31
CA GLU B 266 -18.52 3.63 18.15
C GLU B 266 -18.34 4.43 19.43
N ASP B 267 -17.10 4.55 19.96
CA ASP B 267 -16.81 5.39 21.14
C ASP B 267 -16.43 6.82 20.78
N GLU B 268 -16.66 7.27 19.54
CA GLU B 268 -16.39 8.61 19.01
C GLU B 268 -14.93 9.07 19.12
N GLU B 269 -13.98 8.14 19.37
CA GLU B 269 -12.54 8.42 19.41
C GLU B 269 -12.01 8.66 17.98
N LYS B 270 -12.66 8.03 16.99
CA LYS B 270 -12.26 8.14 15.60
C LYS B 270 -13.51 8.18 14.74
N THR B 271 -13.34 8.56 13.48
CA THR B 271 -14.40 8.60 12.48
C THR B 271 -14.07 7.54 11.45
N ILE B 272 -15.07 7.06 10.72
CA ILE B 272 -14.80 6.11 9.64
C ILE B 272 -13.98 6.83 8.55
N GLU B 273 -14.21 8.15 8.39
CA GLU B 273 -13.44 9.00 7.49
C GLU B 273 -11.94 8.98 7.81
N ASP B 274 -11.56 8.87 9.09
CA ASP B 274 -10.14 8.77 9.44
C ASP B 274 -9.56 7.44 8.96
N TYR B 275 -10.43 6.46 8.69
CA TYR B 275 -9.99 5.12 8.34
C TYR B 275 -10.19 4.71 6.86
N ILE B 276 -10.99 5.46 6.08
CA ILE B 276 -11.18 5.16 4.65
C ILE B 276 -9.80 5.04 3.98
N ASP B 277 -9.63 4.00 3.15
CA ASP B 277 -8.40 3.79 2.38
C ASP B 277 -8.07 5.09 1.63
N LYS B 278 -6.85 5.62 1.84
CA LYS B 278 -6.36 6.84 1.19
C LYS B 278 -5.91 6.59 -0.26
N LYS B 279 -5.78 5.30 -0.63
CA LYS B 279 -5.44 4.91 -1.99
C LYS B 279 -6.67 4.84 -2.90
N MET B 280 -7.64 5.77 -2.71
CA MET B 280 -8.83 5.86 -3.56
C MET B 280 -9.11 7.31 -3.78
N ASN B 281 -9.70 7.63 -4.92
CA ASN B 281 -10.06 8.99 -5.28
C ASN B 281 -11.59 9.16 -5.38
N ASP B 282 -12.29 8.02 -5.63
CA ASP B 282 -13.73 7.97 -5.94
C ASP B 282 -14.67 7.50 -4.82
N ALA B 283 -14.22 7.47 -3.57
CA ALA B 283 -15.12 7.07 -2.49
C ALA B 283 -16.05 8.25 -2.22
N ASP B 284 -17.35 7.98 -2.14
CA ASP B 284 -18.33 8.98 -1.80
C ASP B 284 -18.70 8.65 -0.37
N SER B 285 -18.83 9.65 0.49
CA SER B 285 -19.12 9.44 1.91
C SER B 285 -20.40 8.64 2.21
N THR B 286 -21.47 8.80 1.39
CA THR B 286 -22.74 8.11 1.63
C THR B 286 -22.61 6.60 1.41
N SER B 287 -22.00 6.15 0.29
CA SER B 287 -21.84 4.72 0.04
C SER B 287 -20.86 4.07 1.05
N VAL B 288 -19.78 4.76 1.41
CA VAL B 288 -18.81 4.27 2.39
C VAL B 288 -19.46 4.05 3.73
N GLU B 289 -20.24 5.04 4.19
CA GLU B 289 -20.95 4.97 5.45
C GLU B 289 -22.03 3.91 5.43
N ALA B 290 -22.65 3.67 4.29
CA ALA B 290 -23.65 2.61 4.13
C ALA B 290 -22.95 1.21 4.19
N MET B 291 -21.72 1.07 3.61
CA MET B 291 -20.95 -0.18 3.70
C MET B 291 -20.47 -0.38 5.11
N TYR B 292 -20.04 0.69 5.78
CA TYR B 292 -19.61 0.59 7.16
C TYR B 292 -20.73 0.13 8.07
N SER B 293 -21.96 0.64 7.85
CA SER B 293 -23.14 0.28 8.62
C SER B 293 -23.51 -1.21 8.46
N VAL B 294 -23.27 -1.79 7.26
CA VAL B 294 -23.42 -3.21 7.00
C VAL B 294 -22.34 -3.93 7.81
N ALA B 295 -21.07 -3.46 7.73
CA ALA B 295 -19.96 -4.13 8.41
C ALA B 295 -20.20 -4.20 9.89
N SER B 296 -20.63 -3.07 10.48
CA SER B 296 -20.83 -2.96 11.92
C SER B 296 -21.96 -3.89 12.40
N GLN B 297 -23.00 -4.09 11.57
CA GLN B 297 -24.10 -5.03 11.88
C GLN B 297 -23.60 -6.46 11.81
N CYS B 298 -22.79 -6.77 10.79
CA CYS B 298 -22.24 -8.10 10.68
C CYS B 298 -21.39 -8.43 11.90
N LEU B 299 -20.76 -7.41 12.49
CA LEU B 299 -19.85 -7.54 13.61
C LEU B 299 -20.49 -7.47 15.00
N HIS B 300 -21.83 -7.55 15.09
CA HIS B 300 -22.47 -7.56 16.41
C HIS B 300 -21.90 -8.74 17.17
N GLU B 301 -21.47 -8.52 18.42
CA GLU B 301 -20.90 -9.57 19.26
C GLU B 301 -21.89 -10.71 19.52
N LYS B 302 -23.19 -10.42 19.38
CA LYS B 302 -24.30 -11.34 19.61
C LYS B 302 -24.83 -11.92 18.28
N LYS B 303 -24.54 -13.21 18.02
CA LYS B 303 -24.87 -13.90 16.77
C LYS B 303 -26.29 -13.70 16.25
N ASN B 304 -27.27 -13.70 17.16
CA ASN B 304 -28.65 -13.58 16.75
C ASN B 304 -29.03 -12.14 16.41
N LYS B 305 -28.18 -11.17 16.75
CA LYS B 305 -28.45 -9.78 16.39
C LYS B 305 -27.99 -9.49 14.98
N ARG B 306 -27.02 -10.26 14.45
CA ARG B 306 -26.44 -10.07 13.14
C ARG B 306 -27.43 -10.33 12.05
N PRO B 307 -27.34 -9.56 10.93
CA PRO B 307 -28.21 -9.81 9.77
C PRO B 307 -27.88 -11.16 9.12
N ASP B 308 -28.86 -11.83 8.49
CA ASP B 308 -28.52 -13.06 7.76
C ASP B 308 -27.91 -12.62 6.41
N ILE B 309 -27.33 -13.54 5.64
CA ILE B 309 -26.67 -13.22 4.37
C ILE B 309 -27.62 -12.59 3.38
N LYS B 310 -28.88 -13.03 3.38
CA LYS B 310 -29.90 -12.48 2.52
C LYS B 310 -30.09 -10.98 2.81
N LYS B 311 -30.07 -10.58 4.09
CA LYS B 311 -30.16 -9.18 4.50
C LYS B 311 -28.93 -8.38 4.07
N VAL B 312 -27.74 -8.95 4.29
CA VAL B 312 -26.45 -8.37 3.90
C VAL B 312 -26.48 -8.11 2.40
N GLN B 313 -26.88 -9.12 1.60
CA GLN B 313 -27.05 -9.02 0.14
C GLN B 313 -27.95 -7.83 -0.20
N GLN B 314 -29.10 -7.71 0.47
CA GLN B 314 -30.03 -6.61 0.24
C GLN B 314 -29.42 -5.28 0.59
N LEU B 315 -28.79 -5.17 1.76
CA LEU B 315 -28.19 -3.92 2.22
C LEU B 315 -27.13 -3.39 1.27
N LEU B 316 -26.29 -4.28 0.74
CA LEU B 316 -25.24 -3.91 -0.19
C LEU B 316 -25.79 -3.52 -1.56
N GLN B 317 -26.98 -4.06 -1.91
CA GLN B 317 -27.71 -3.75 -3.14
C GLN B 317 -28.26 -2.33 -3.02
N GLU B 318 -28.85 -1.98 -1.85
CA GLU B 318 -29.37 -0.64 -1.53
C GLU B 318 -28.25 0.39 -1.50
N MET B 319 -27.13 0.10 -0.81
CA MET B 319 -25.95 0.97 -0.80
C MET B 319 -25.69 1.59 -2.18
N THR B 320 -25.84 0.83 -3.29
CA THR B 320 -25.66 1.38 -4.65
C THR B 320 -27.03 1.63 -5.30
C1 K1E C . -1.40 15.08 -8.25
C8 K1E C . 2.51 19.71 -7.48
C10 K1E C . 3.05 20.43 -5.36
C11 K1E C . 3.92 21.42 -5.92
C13 K1E C . 5.42 23.19 -5.74
C14 K1E C . 5.55 23.29 -7.12
C15 K1E C . 4.86 22.43 -7.92
C16 K1E C . 4.01 21.46 -7.34
C19 K1E C . 5.86 23.80 -3.44
C22 K1E C . 2.02 19.30 -3.43
C24 K1E C . 1.56 16.89 -2.84
C27 K1E C . 1.49 19.75 -2.08
C30 K1E C . -2.05 15.09 -0.86
C32 K1E C . -0.76 15.29 1.21
C33 K1E C . -0.04 16.50 0.61
C34 K1E C . -3.25 15.21 1.31
N2 K1E C . -0.50 16.15 -7.85
N3 K1E C . -0.31 16.43 -6.51
C4 K1E C . 0.55 17.45 -6.50
C5 K1E C . 0.91 17.81 -7.80
C6 K1E C . 0.22 16.97 -8.63
N7 K1E C . 1.78 18.82 -8.24
N9 K1E C . 2.38 19.60 -6.15
N12 K1E C . 4.63 22.29 -5.13
N17 K1E C . 3.29 20.59 -8.14
C18 K1E C . 6.18 24.12 -4.82
N20 K1E C . 5.63 23.57 -2.34
N21 K1E C . 2.90 20.31 -4.02
C23 K1E C . 2.61 17.90 -3.35
C25 K1E C . 0.90 17.36 -1.54
C26 K1E C . 0.40 18.80 -1.60
N28 K1E C . 0.02 16.38 -0.86
C29 K1E C . -1.34 16.31 -1.41
N31 K1E C . -2.09 15.13 0.61
O35 K1E C . -3.30 15.25 2.53
O36 K1E C . -4.32 15.25 0.51
C37 K1E C . -5.61 15.33 1.16
S SO4 D . -4.20 -25.27 -30.14
O1 SO4 D . -5.02 -26.39 -29.64
O2 SO4 D . -3.09 -25.02 -29.21
O3 SO4 D . -3.64 -25.63 -31.44
O4 SO4 D . -5.01 -24.06 -30.27
C1 K1E E . -1.33 -13.04 -9.68
C8 K1E E . -5.15 -17.68 -8.38
C10 K1E E . -5.06 -18.70 -6.31
C11 K1E E . -6.13 -19.58 -6.71
C13 K1E E . -7.61 -21.31 -6.32
C14 K1E E . -8.17 -21.19 -7.59
C15 K1E E . -7.69 -20.23 -8.45
C16 K1E E . -6.64 -19.39 -8.04
C19 K1E E . -7.43 -22.35 -4.07
C22 K1E E . -3.38 -17.82 -4.75
C24 K1E E . -2.77 -15.44 -4.14
C27 K1E E . -2.53 -18.33 -3.61
C30 K1E E . 1.20 -13.70 -2.81
C32 K1E E . 0.33 -14.03 -0.55
C33 K1E E . -0.53 -15.18 -1.07
C34 K1E E . 2.71 -13.42 -0.86
N2 K1E E . -2.12 -14.15 -9.15
N3 K1E E . -1.90 -14.62 -7.86
C4 K1E E . -2.78 -15.60 -7.72
C5 K1E E . -3.56 -15.77 -8.87
C6 K1E E . -3.10 -14.83 -9.75
N7 K1E E . -4.59 -16.68 -9.16
N9 K1E E . -4.61 -17.79 -7.15
N12 K1E E . -6.62 -20.53 -5.87
N17 K1E E . -6.15 -18.43 -8.88
C18 K1E E . -8.12 -22.35 -5.35
N20 K1E E . -6.88 -22.33 -3.07
N21 K1E E . -4.47 -18.76 -5.08
C23 K1E E . -3.92 -16.42 -4.44
C25 K1E E . -1.86 -15.95 -3.02
C26 K1E E . -1.38 -17.37 -3.31
N28 K1E E . -0.89 -14.98 -2.49
C29 K1E E . 0.34 -14.84 -3.30
N31 K1E E . 1.54 -13.88 -1.38
O35 K1E E . 3.02 -13.54 0.30
O36 K1E E . 3.47 -12.81 -1.79
C37 K1E E . 4.74 -12.29 -1.33
#